data_1X76
#
_entry.id   1X76
#
_cell.length_a   52.231
_cell.length_b   87.949
_cell.length_c   99.794
_cell.angle_alpha   90.00
_cell.angle_beta   90.00
_cell.angle_gamma   90.00
#
_symmetry.space_group_name_H-M   'P 21 21 21'
#
loop_
_entity.id
_entity.type
_entity.pdbx_description
1 polymer 'Estrogen receptor beta'
2 polymer 'STEROID RECEPTOR COACTIVATOR-1'
3 non-polymer 5-HYDROXY-2-(4-HYDROXYPHENYL)-1-BENZOFURAN-7-CARBONITRILE
4 water water
#
loop_
_entity_poly.entity_id
_entity_poly.type
_entity_poly.pdbx_seq_one_letter_code
_entity_poly.pdbx_strand_id
1 'polypeptide(L)'
;DALSPEQLVLTLLEAEPPHVLISRPSAPFTEASMMMSLTKLADKELVHMISWAKKIPGFVELSLFDQVRLLESCWMEVLM
MGLMWRSIDHPGKLIFAPDLVLDRDEGKCVEGILEIFDMLLATTSRFRELKLQHKEYLCVKAMILLNSSMYPLVTATQDA
DSSRKLAHLLNAVTDALVWVIAKSGISSQQQSMRLANLLMLLSHVRHASNKGMEHLLNMKCKNVVPVYDLLLEMLNAHVL
;
A,B
2 'polypeptide(L)' SGSHKLVQLLTTT C,D
#
loop_
_chem_comp.id
_chem_comp.type
_chem_comp.name
_chem_comp.formula
697 non-polymer 5-HYDROXY-2-(4-HYDROXYPHENYL)-1-BENZOFURAN-7-CARBONITRILE 'C15 H9 N O3'
#
# COMPACT_ATOMS: atom_id res chain seq x y z
N LEU A 3 -13.13 11.01 -24.32
CA LEU A 3 -13.99 11.13 -23.11
C LEU A 3 -13.32 12.06 -22.09
N SER A 4 -13.98 13.18 -21.77
CA SER A 4 -13.42 14.13 -20.81
C SER A 4 -13.43 13.53 -19.40
N PRO A 5 -12.68 14.16 -18.47
CA PRO A 5 -12.63 13.67 -17.10
C PRO A 5 -14.01 13.69 -16.45
N GLU A 6 -14.72 14.80 -16.66
CA GLU A 6 -16.06 14.95 -16.10
C GLU A 6 -16.99 13.83 -16.55
N GLN A 7 -16.85 13.40 -17.79
CA GLN A 7 -17.70 12.33 -18.30
C GLN A 7 -17.19 10.97 -17.85
N LEU A 8 -15.88 10.88 -17.60
CA LEU A 8 -15.35 9.62 -17.11
C LEU A 8 -15.84 9.44 -15.69
N VAL A 9 -15.86 10.53 -14.91
CA VAL A 9 -16.32 10.43 -13.54
C VAL A 9 -17.81 10.11 -13.52
N LEU A 10 -18.56 10.65 -14.47
CA LEU A 10 -19.99 10.35 -14.52
C LEU A 10 -20.18 8.86 -14.74
N THR A 11 -19.34 8.24 -15.59
CA THR A 11 -19.49 6.82 -15.83
C THR A 11 -19.18 6.00 -14.57
N LEU A 12 -18.30 6.51 -13.71
CA LEU A 12 -17.97 5.80 -12.46
C LEU A 12 -19.16 5.88 -11.53
N LEU A 13 -19.78 7.06 -11.49
CA LEU A 13 -20.96 7.26 -10.65
C LEU A 13 -22.03 6.28 -11.08
N GLU A 14 -22.16 6.10 -12.40
CA GLU A 14 -23.16 5.20 -12.96
C GLU A 14 -22.80 3.73 -12.75
N ALA A 15 -21.54 3.47 -12.42
CA ALA A 15 -21.10 2.11 -12.19
C ALA A 15 -21.29 1.71 -10.73
N GLU A 16 -21.49 2.71 -9.86
CA GLU A 16 -21.66 2.47 -8.42
C GLU A 16 -22.63 1.33 -8.15
N PRO A 17 -22.23 0.40 -7.27
CA PRO A 17 -23.08 -0.73 -6.93
C PRO A 17 -24.23 -0.26 -6.04
N PRO A 18 -25.33 -1.01 -5.99
CA PRO A 18 -26.46 -0.61 -5.16
C PRO A 18 -26.15 -0.82 -3.69
N HIS A 19 -26.90 -0.16 -2.82
CA HIS A 19 -26.69 -0.32 -1.39
C HIS A 19 -27.11 -1.74 -1.02
N VAL A 20 -26.32 -2.39 -0.17
CA VAL A 20 -26.60 -3.76 0.22
C VAL A 20 -26.93 -3.89 1.71
N LEU A 21 -27.90 -4.74 2.00
CA LEU A 21 -28.31 -5.02 3.37
C LEU A 21 -28.20 -6.53 3.54
N ILE A 22 -28.02 -6.98 4.77
CA ILE A 22 -27.89 -8.41 5.04
C ILE A 22 -29.16 -9.06 5.56
N SER A 23 -30.25 -8.29 5.58
CA SER A 23 -31.54 -8.81 6.05
C SER A 23 -31.34 -9.43 7.44
N ARG A 24 -31.09 -8.58 8.43
CA ARG A 24 -30.88 -9.04 9.80
C ARG A 24 -31.60 -8.18 10.82
N PRO A 25 -32.55 -8.78 11.55
CA PRO A 25 -33.29 -8.01 12.56
C PRO A 25 -32.31 -7.52 13.63
N SER A 26 -32.43 -6.24 13.99
CA SER A 26 -31.55 -5.64 15.00
C SER A 26 -31.40 -6.53 16.23
N ALA A 27 -30.17 -6.68 16.69
CA ALA A 27 -29.86 -7.51 17.86
C ALA A 27 -28.36 -7.51 18.12
N PRO A 28 -27.94 -7.81 19.37
CA PRO A 28 -26.54 -7.86 19.77
C PRO A 28 -25.70 -8.79 18.89
N PHE A 29 -24.39 -8.62 18.96
CA PHE A 29 -23.46 -9.41 18.17
C PHE A 29 -22.57 -10.33 19.01
N THR A 30 -22.34 -11.54 18.49
CA THR A 30 -21.48 -12.52 19.13
C THR A 30 -20.38 -12.81 18.12
N GLU A 31 -19.37 -13.58 18.51
CA GLU A 31 -18.28 -13.88 17.59
C GLU A 31 -18.76 -14.62 16.35
N ALA A 32 -19.81 -15.41 16.51
CA ALA A 32 -20.37 -16.18 15.40
C ALA A 32 -21.29 -15.34 14.53
N SER A 33 -22.18 -14.58 15.16
CA SER A 33 -23.12 -13.75 14.42
C SER A 33 -22.43 -12.58 13.72
N MET A 34 -21.25 -12.21 14.17
CA MET A 34 -20.55 -11.10 13.53
C MET A 34 -19.82 -11.60 12.29
N MET A 35 -18.96 -12.59 12.46
CA MET A 35 -18.22 -13.15 11.34
C MET A 35 -19.15 -13.65 10.24
N MET A 36 -20.27 -14.22 10.64
CA MET A 36 -21.23 -14.72 9.68
C MET A 36 -21.82 -13.56 8.89
N SER A 37 -22.13 -12.46 9.58
CA SER A 37 -22.70 -11.28 8.94
C SER A 37 -21.70 -10.60 7.99
N LEU A 38 -20.47 -10.45 8.45
CA LEU A 38 -19.42 -9.83 7.66
C LEU A 38 -19.10 -10.63 6.40
N THR A 39 -19.06 -11.96 6.52
CA THR A 39 -18.79 -12.81 5.37
C THR A 39 -19.97 -12.83 4.39
N LYS A 40 -21.19 -12.85 4.93
CA LYS A 40 -22.38 -12.86 4.09
C LYS A 40 -22.48 -11.54 3.33
N LEU A 41 -22.09 -10.45 3.98
CA LEU A 41 -22.13 -9.14 3.35
C LEU A 41 -21.04 -9.06 2.28
N ALA A 42 -19.85 -9.55 2.61
CA ALA A 42 -18.74 -9.53 1.67
C ALA A 42 -19.13 -10.26 0.39
N ASP A 43 -19.77 -11.42 0.55
CA ASP A 43 -20.20 -12.23 -0.60
C ASP A 43 -21.15 -11.46 -1.50
N LYS A 44 -22.19 -10.86 -0.91
CA LYS A 44 -23.15 -10.08 -1.70
C LYS A 44 -22.48 -8.91 -2.40
N GLU A 45 -21.58 -8.21 -1.71
CA GLU A 45 -20.91 -7.07 -2.31
C GLU A 45 -19.97 -7.46 -3.44
N LEU A 46 -19.37 -8.66 -3.33
CA LEU A 46 -18.46 -9.14 -4.36
C LEU A 46 -19.19 -9.28 -5.68
N VAL A 47 -20.41 -9.80 -5.64
CA VAL A 47 -21.21 -9.94 -6.85
C VAL A 47 -21.38 -8.56 -7.47
N HIS A 48 -21.76 -7.59 -6.66
CA HIS A 48 -21.95 -6.23 -7.16
C HIS A 48 -20.65 -5.58 -7.63
N MET A 49 -19.54 -5.96 -7.01
CA MET A 49 -18.24 -5.39 -7.37
C MET A 49 -17.86 -5.85 -8.78
N ILE A 50 -18.19 -7.09 -9.12
CA ILE A 50 -17.89 -7.58 -10.47
C ILE A 50 -18.64 -6.77 -11.52
N SER A 51 -19.92 -6.48 -11.26
CA SER A 51 -20.74 -5.69 -12.20
C SER A 51 -20.19 -4.27 -12.31
N TRP A 52 -19.73 -3.74 -11.18
CA TRP A 52 -19.16 -2.39 -11.14
C TRP A 52 -17.92 -2.28 -12.04
N ALA A 53 -16.99 -3.22 -11.89
CA ALA A 53 -15.76 -3.23 -12.67
C ALA A 53 -16.05 -3.27 -14.17
N LYS A 54 -17.05 -4.05 -14.56
CA LYS A 54 -17.42 -4.17 -15.96
C LYS A 54 -18.00 -2.87 -16.52
N LYS A 55 -18.45 -1.99 -15.64
CA LYS A 55 -19.03 -0.73 -16.08
C LYS A 55 -18.01 0.39 -16.21
N ILE A 56 -16.77 0.08 -15.87
CA ILE A 56 -15.69 1.06 -15.99
C ILE A 56 -15.25 0.96 -17.44
N PRO A 57 -15.33 2.09 -18.18
CA PRO A 57 -14.93 2.09 -19.59
C PRO A 57 -13.59 1.41 -19.82
N GLY A 58 -13.58 0.43 -20.72
CA GLY A 58 -12.35 -0.28 -21.04
C GLY A 58 -12.02 -1.55 -20.26
N PHE A 59 -12.62 -1.73 -19.09
CA PHE A 59 -12.32 -2.92 -18.28
C PHE A 59 -12.57 -4.24 -19.04
N VAL A 60 -13.72 -4.36 -19.68
CA VAL A 60 -14.05 -5.56 -20.41
C VAL A 60 -13.22 -5.73 -21.68
N GLU A 61 -12.43 -4.71 -22.01
CA GLU A 61 -11.58 -4.75 -23.19
C GLU A 61 -10.25 -5.40 -22.84
N LEU A 62 -9.99 -5.53 -21.54
CA LEU A 62 -8.76 -6.15 -21.06
C LEU A 62 -8.89 -7.65 -21.24
N SER A 63 -7.76 -8.36 -21.23
CA SER A 63 -7.80 -9.81 -21.38
C SER A 63 -8.54 -10.37 -20.17
N LEU A 64 -9.19 -11.52 -20.36
CA LEU A 64 -9.94 -12.13 -19.28
C LEU A 64 -8.98 -12.44 -18.13
N PHE A 65 -7.72 -12.70 -18.49
CA PHE A 65 -6.69 -13.00 -17.50
C PHE A 65 -6.40 -11.77 -16.64
N ASP A 66 -6.35 -10.61 -17.27
CA ASP A 66 -6.09 -9.37 -16.53
C ASP A 66 -7.29 -8.97 -15.68
N GLN A 67 -8.50 -9.12 -16.23
CA GLN A 67 -9.70 -8.78 -15.49
C GLN A 67 -9.77 -9.56 -14.18
N VAL A 68 -9.47 -10.86 -14.28
CA VAL A 68 -9.50 -11.76 -13.13
C VAL A 68 -8.40 -11.44 -12.11
N ARG A 69 -7.18 -11.18 -12.58
CA ARG A 69 -6.08 -10.88 -11.67
C ARG A 69 -6.30 -9.57 -10.91
N LEU A 70 -6.81 -8.54 -11.59
CA LEU A 70 -7.05 -7.26 -10.95
C LEU A 70 -8.09 -7.38 -9.83
N LEU A 71 -9.18 -8.08 -10.12
CA LEU A 71 -10.24 -8.26 -9.12
C LEU A 71 -9.84 -9.20 -7.97
N GLU A 72 -9.08 -10.25 -8.26
CA GLU A 72 -8.67 -11.18 -7.20
C GLU A 72 -7.69 -10.56 -6.22
N SER A 73 -6.92 -9.58 -6.65
CA SER A 73 -5.97 -8.98 -5.73
C SER A 73 -6.47 -7.75 -4.96
N CYS A 74 -7.40 -7.01 -5.55
CA CYS A 74 -7.90 -5.80 -4.90
C CYS A 74 -9.26 -5.87 -4.21
N TRP A 75 -10.01 -6.96 -4.40
CA TRP A 75 -11.35 -7.02 -3.84
C TRP A 75 -11.51 -6.56 -2.40
N MET A 76 -10.65 -7.01 -1.51
CA MET A 76 -10.77 -6.60 -0.11
C MET A 76 -10.53 -5.10 0.05
N GLU A 77 -9.53 -4.56 -0.66
CA GLU A 77 -9.25 -3.13 -0.55
C GLU A 77 -10.44 -2.31 -1.05
N VAL A 78 -11.10 -2.78 -2.12
CA VAL A 78 -12.25 -2.08 -2.67
C VAL A 78 -13.42 -2.15 -1.68
N LEU A 79 -13.57 -3.29 -1.01
CA LEU A 79 -14.64 -3.44 0.00
C LEU A 79 -14.37 -2.49 1.16
N MET A 80 -13.12 -2.39 1.60
CA MET A 80 -12.78 -1.50 2.71
C MET A 80 -12.86 -0.01 2.35
N MET A 81 -12.59 0.33 1.09
CA MET A 81 -12.68 1.73 0.68
C MET A 81 -14.14 2.14 0.73
N GLY A 82 -15.03 1.23 0.34
CA GLY A 82 -16.46 1.51 0.38
C GLY A 82 -16.95 1.66 1.81
N LEU A 83 -16.43 0.82 2.69
CA LEU A 83 -16.79 0.86 4.10
C LEU A 83 -16.41 2.22 4.70
N MET A 84 -15.23 2.71 4.34
CA MET A 84 -14.75 3.98 4.86
C MET A 84 -15.57 5.16 4.34
N TRP A 85 -15.99 5.09 3.08
CA TRP A 85 -16.79 6.18 2.53
C TRP A 85 -18.18 6.20 3.16
N ARG A 86 -18.70 5.04 3.51
CA ARG A 86 -20.03 4.95 4.13
C ARG A 86 -19.95 5.37 5.60
N SER A 87 -18.77 5.24 6.19
CA SER A 87 -18.55 5.56 7.59
C SER A 87 -18.06 6.98 7.84
N ILE A 88 -17.70 7.67 6.77
CA ILE A 88 -17.16 9.02 6.88
C ILE A 88 -18.01 10.00 7.71
N ASP A 89 -19.33 9.95 7.56
CA ASP A 89 -20.22 10.85 8.31
C ASP A 89 -20.68 10.29 9.64
N HIS A 90 -20.09 9.20 10.09
CA HIS A 90 -20.50 8.60 11.37
C HIS A 90 -19.28 8.30 12.23
N PRO A 91 -18.61 9.35 12.72
CA PRO A 91 -17.42 9.16 13.57
C PRO A 91 -17.59 8.09 14.63
N GLY A 92 -16.55 7.26 14.80
CA GLY A 92 -16.58 6.20 15.78
C GLY A 92 -17.31 4.93 15.36
N LYS A 93 -17.94 4.95 14.19
CA LYS A 93 -18.68 3.78 13.73
C LYS A 93 -18.25 3.27 12.37
N LEU A 94 -18.37 1.96 12.17
CA LEU A 94 -18.04 1.34 10.91
C LEU A 94 -19.35 0.89 10.27
N ILE A 95 -19.78 1.62 9.26
CA ILE A 95 -21.03 1.34 8.58
C ILE A 95 -20.85 0.28 7.50
N PHE A 96 -20.74 -0.98 7.90
CA PHE A 96 -20.58 -2.06 6.93
C PHE A 96 -21.82 -2.10 6.04
N ALA A 97 -22.97 -1.83 6.64
CA ALA A 97 -24.24 -1.82 5.94
C ALA A 97 -25.28 -1.23 6.90
N PRO A 98 -26.41 -0.75 6.36
CA PRO A 98 -27.47 -0.16 7.18
C PRO A 98 -27.81 -1.02 8.40
N ASP A 99 -28.00 -2.32 8.17
CA ASP A 99 -28.33 -3.26 9.25
C ASP A 99 -27.09 -3.96 9.83
N LEU A 100 -25.91 -3.39 9.57
CA LEU A 100 -24.66 -3.93 10.09
C LEU A 100 -23.72 -2.78 10.43
N VAL A 101 -24.04 -2.08 11.51
CA VAL A 101 -23.27 -0.95 11.99
C VAL A 101 -22.55 -1.39 13.26
N LEU A 102 -21.22 -1.42 13.22
CA LEU A 102 -20.45 -1.88 14.36
C LEU A 102 -19.68 -0.80 15.12
N ASP A 103 -19.62 -0.99 16.43
CA ASP A 103 -18.92 -0.09 17.34
C ASP A 103 -17.53 -0.67 17.61
N ARG A 104 -16.57 0.19 17.92
CA ARG A 104 -15.20 -0.27 18.18
C ARG A 104 -15.13 -1.32 19.28
N ASP A 105 -15.90 -1.13 20.34
CA ASP A 105 -15.91 -2.06 21.47
C ASP A 105 -16.61 -3.37 21.16
N GLU A 106 -17.28 -3.44 20.01
CA GLU A 106 -17.96 -4.66 19.64
C GLU A 106 -17.00 -5.56 18.87
N GLY A 107 -15.88 -4.99 18.45
CA GLY A 107 -14.88 -5.75 17.72
C GLY A 107 -14.10 -6.59 18.71
N LYS A 108 -14.39 -6.40 19.99
CA LYS A 108 -13.71 -7.14 21.06
C LYS A 108 -14.33 -8.53 21.20
N CYS A 109 -15.46 -8.75 20.54
CA CYS A 109 -16.15 -10.03 20.57
C CYS A 109 -15.48 -11.00 19.59
N VAL A 110 -14.49 -10.50 18.86
CA VAL A 110 -13.77 -11.31 17.88
C VAL A 110 -12.27 -11.05 18.00
N GLU A 111 -11.52 -12.10 18.35
CA GLU A 111 -10.08 -11.98 18.52
C GLU A 111 -9.36 -11.58 17.24
N GLY A 112 -8.51 -10.56 17.35
CA GLY A 112 -7.74 -10.09 16.21
C GLY A 112 -8.41 -9.06 15.32
N ILE A 113 -9.71 -8.82 15.53
CA ILE A 113 -10.41 -7.87 14.68
C ILE A 113 -10.40 -6.44 15.23
N LEU A 114 -10.34 -6.29 16.55
CA LEU A 114 -10.31 -4.96 17.14
C LEU A 114 -9.11 -4.20 16.59
N GLU A 115 -8.06 -4.95 16.26
CA GLU A 115 -6.84 -4.38 15.69
C GLU A 115 -7.17 -3.75 14.34
N ILE A 116 -7.87 -4.50 13.49
CA ILE A 116 -8.24 -4.05 12.16
C ILE A 116 -9.26 -2.91 12.17
N PHE A 117 -10.23 -3.00 13.08
CA PHE A 117 -11.25 -1.95 13.19
C PHE A 117 -10.54 -0.62 13.46
N ASP A 118 -9.59 -0.64 14.40
CA ASP A 118 -8.85 0.56 14.73
C ASP A 118 -8.15 1.12 13.49
N MET A 119 -7.61 0.24 12.66
CA MET A 119 -6.94 0.67 11.44
C MET A 119 -7.92 1.32 10.47
N LEU A 120 -9.10 0.72 10.34
CA LEU A 120 -10.13 1.23 9.44
C LEU A 120 -10.71 2.54 9.96
N LEU A 121 -10.93 2.62 11.27
CA LEU A 121 -11.49 3.82 11.89
C LEU A 121 -10.52 4.99 11.80
N ALA A 122 -9.22 4.69 11.89
CA ALA A 122 -8.18 5.70 11.80
C ALA A 122 -8.15 6.27 10.39
N THR A 123 -8.05 5.38 9.41
CA THR A 123 -8.01 5.83 8.02
C THR A 123 -9.30 6.57 7.67
N THR A 124 -10.42 6.11 8.21
CA THR A 124 -11.69 6.76 7.95
C THR A 124 -11.68 8.18 8.52
N SER A 125 -11.18 8.31 9.75
CA SER A 125 -11.11 9.61 10.40
C SER A 125 -10.22 10.54 9.58
N ARG A 126 -9.22 9.97 8.91
CA ARG A 126 -8.31 10.75 8.07
C ARG A 126 -9.03 11.27 6.83
N PHE A 127 -9.85 10.44 6.20
CA PHE A 127 -10.59 10.86 5.01
C PHE A 127 -11.60 11.92 5.46
N ARG A 128 -12.12 11.76 6.67
CA ARG A 128 -13.08 12.70 7.24
C ARG A 128 -12.41 14.06 7.41
N GLU A 129 -11.18 14.05 7.91
CA GLU A 129 -10.43 15.30 8.10
C GLU A 129 -10.18 16.01 6.77
N LEU A 130 -9.88 15.24 5.73
CA LEU A 130 -9.62 15.78 4.40
C LEU A 130 -10.90 16.20 3.71
N LYS A 131 -12.02 15.80 4.29
CA LYS A 131 -13.32 16.10 3.72
C LYS A 131 -13.43 15.47 2.35
N LEU A 132 -13.09 14.18 2.28
CA LEU A 132 -13.15 13.42 1.05
C LEU A 132 -14.50 13.65 0.36
N GLN A 133 -14.46 13.97 -0.93
CA GLN A 133 -15.69 14.21 -1.68
C GLN A 133 -16.09 12.92 -2.39
N HIS A 134 -17.38 12.82 -2.74
CA HIS A 134 -17.90 11.63 -3.41
C HIS A 134 -17.18 11.33 -4.71
N LYS A 135 -16.93 12.36 -5.52
CA LYS A 135 -16.26 12.16 -6.80
C LYS A 135 -14.80 11.71 -6.66
N GLU A 136 -14.13 12.13 -5.59
CA GLU A 136 -12.76 11.70 -5.36
C GLU A 136 -12.84 10.23 -4.96
N TYR A 137 -13.82 9.92 -4.12
CA TYR A 137 -14.06 8.56 -3.66
C TYR A 137 -14.19 7.64 -4.86
N LEU A 138 -14.98 8.07 -5.85
CA LEU A 138 -15.20 7.30 -7.06
C LEU A 138 -13.89 7.07 -7.82
N CYS A 139 -13.11 8.13 -8.01
CA CYS A 139 -11.85 7.99 -8.72
C CYS A 139 -10.89 7.07 -7.97
N VAL A 140 -10.73 7.32 -6.67
CA VAL A 140 -9.86 6.53 -5.80
C VAL A 140 -10.22 5.04 -5.82
N LYS A 141 -11.51 4.74 -5.74
CA LYS A 141 -11.93 3.33 -5.76
C LYS A 141 -11.53 2.67 -7.08
N ALA A 142 -11.76 3.38 -8.18
CA ALA A 142 -11.42 2.83 -9.50
C ALA A 142 -9.92 2.65 -9.64
N MET A 143 -9.16 3.58 -9.09
CA MET A 143 -7.71 3.50 -9.14
C MET A 143 -7.20 2.29 -8.36
N ILE A 144 -7.85 1.98 -7.25
CA ILE A 144 -7.46 0.81 -6.45
C ILE A 144 -7.52 -0.46 -7.31
N LEU A 145 -8.60 -0.59 -8.08
CA LEU A 145 -8.78 -1.74 -8.97
C LEU A 145 -7.74 -1.76 -10.08
N LEU A 146 -7.53 -0.62 -10.73
CA LEU A 146 -6.61 -0.55 -11.85
C LEU A 146 -5.12 -0.51 -11.51
N ASN A 147 -4.77 -0.18 -10.27
CA ASN A 147 -3.37 -0.12 -9.87
C ASN A 147 -2.95 -1.30 -8.98
N SER A 148 -3.83 -2.29 -8.84
CA SER A 148 -3.55 -3.46 -8.01
C SER A 148 -2.70 -4.51 -8.74
N SER A 149 -2.22 -4.16 -9.92
CA SER A 149 -1.41 -5.05 -10.74
C SER A 149 0.02 -5.17 -10.21
N MET A 150 0.50 -6.39 -10.06
CA MET A 150 1.86 -6.62 -9.58
C MET A 150 2.72 -7.33 -10.63
N ASP A 161 -0.42 -5.55 -25.18
CA ASP A 161 -1.72 -5.30 -25.79
C ASP A 161 -2.72 -4.91 -24.70
N SER A 162 -3.09 -5.88 -23.88
CA SER A 162 -4.03 -5.64 -22.79
C SER A 162 -3.32 -4.82 -21.72
N SER A 163 -2.00 -4.92 -21.70
CA SER A 163 -1.17 -4.20 -20.74
C SER A 163 -1.25 -2.68 -20.91
N ARG A 164 -1.07 -2.21 -22.15
CA ARG A 164 -1.13 -0.78 -22.41
C ARG A 164 -2.55 -0.25 -22.25
N LYS A 165 -3.53 -1.10 -22.53
CA LYS A 165 -4.92 -0.72 -22.37
C LYS A 165 -5.11 -0.37 -20.88
N LEU A 166 -4.55 -1.21 -20.01
CA LEU A 166 -4.63 -1.02 -18.57
C LEU A 166 -3.98 0.30 -18.15
N ALA A 167 -2.78 0.54 -18.67
CA ALA A 167 -2.05 1.76 -18.34
C ALA A 167 -2.88 2.97 -18.76
N HIS A 168 -3.43 2.91 -19.98
CA HIS A 168 -4.25 3.98 -20.51
C HIS A 168 -5.43 4.27 -19.58
N LEU A 169 -6.09 3.20 -19.13
CA LEU A 169 -7.23 3.32 -18.24
C LEU A 169 -6.83 3.93 -16.90
N LEU A 170 -5.78 3.38 -16.29
CA LEU A 170 -5.32 3.91 -15.00
C LEU A 170 -5.01 5.39 -15.15
N ASN A 171 -4.36 5.76 -16.25
CA ASN A 171 -4.00 7.15 -16.50
C ASN A 171 -5.25 8.04 -16.65
N ALA A 172 -6.28 7.48 -17.29
CA ALA A 172 -7.53 8.20 -17.48
C ALA A 172 -8.20 8.50 -16.14
N VAL A 173 -8.23 7.52 -15.24
CA VAL A 173 -8.85 7.69 -13.94
C VAL A 173 -8.03 8.67 -13.10
N THR A 174 -6.70 8.64 -13.25
CA THR A 174 -5.83 9.53 -12.50
C THR A 174 -6.10 10.96 -12.96
N ASP A 175 -6.26 11.13 -14.27
CA ASP A 175 -6.54 12.43 -14.85
C ASP A 175 -7.90 12.92 -14.36
N ALA A 176 -8.81 11.98 -14.09
CA ALA A 176 -10.14 12.34 -13.61
C ALA A 176 -10.05 12.84 -12.16
N LEU A 177 -9.22 12.19 -11.34
CA LEU A 177 -9.05 12.61 -9.95
C LEU A 177 -8.43 14.02 -9.88
N VAL A 178 -7.42 14.27 -10.71
CA VAL A 178 -6.76 15.56 -10.75
C VAL A 178 -7.79 16.62 -11.11
N TRP A 179 -8.64 16.29 -12.08
CA TRP A 179 -9.69 17.21 -12.52
C TRP A 179 -10.66 17.50 -11.37
N VAL A 180 -11.06 16.47 -10.65
CA VAL A 180 -11.98 16.65 -9.53
C VAL A 180 -11.39 17.64 -8.52
N ILE A 181 -10.11 17.47 -8.23
CA ILE A 181 -9.42 18.33 -7.28
C ILE A 181 -9.32 19.76 -7.81
N ALA A 182 -9.12 19.91 -9.11
CA ALA A 182 -9.01 21.22 -9.73
C ALA A 182 -10.33 22.01 -9.69
N LYS A 183 -11.45 21.30 -9.56
CA LYS A 183 -12.75 21.95 -9.53
C LYS A 183 -13.06 22.55 -8.17
N SER A 184 -12.40 22.04 -7.13
CA SER A 184 -12.61 22.55 -5.77
C SER A 184 -12.12 24.00 -5.73
N GLY A 185 -11.47 24.42 -6.80
CA GLY A 185 -10.97 25.79 -6.90
C GLY A 185 -9.92 26.23 -5.89
N ILE A 186 -9.33 25.29 -5.15
CA ILE A 186 -8.32 25.65 -4.17
C ILE A 186 -6.99 26.01 -4.81
N SER A 187 -6.07 26.48 -3.98
CA SER A 187 -4.74 26.86 -4.41
C SER A 187 -4.10 25.73 -5.20
N SER A 188 -3.23 26.06 -6.15
CA SER A 188 -2.56 25.04 -6.96
C SER A 188 -1.65 24.18 -6.08
N GLN A 189 -0.98 24.83 -5.13
CA GLN A 189 -0.09 24.12 -4.22
C GLN A 189 -0.94 23.23 -3.33
N GLN A 190 -2.12 23.73 -2.97
CA GLN A 190 -3.01 22.95 -2.13
C GLN A 190 -3.67 21.81 -2.90
N GLN A 191 -3.74 21.94 -4.22
CA GLN A 191 -4.31 20.89 -5.06
C GLN A 191 -3.32 19.74 -5.14
N SER A 192 -2.03 20.07 -5.23
CA SER A 192 -0.96 19.07 -5.29
C SER A 192 -0.88 18.37 -3.94
N MET A 193 -0.95 19.15 -2.88
CA MET A 193 -0.88 18.63 -1.51
C MET A 193 -2.04 17.67 -1.27
N ARG A 194 -3.23 18.05 -1.72
CA ARG A 194 -4.41 17.22 -1.55
C ARG A 194 -4.28 15.92 -2.36
N LEU A 195 -3.80 16.03 -3.60
CA LEU A 195 -3.63 14.85 -4.45
C LEU A 195 -2.72 13.85 -3.77
N ALA A 196 -1.60 14.34 -3.22
CA ALA A 196 -0.64 13.48 -2.53
C ALA A 196 -1.23 12.90 -1.25
N ASN A 197 -2.00 13.69 -0.52
CA ASN A 197 -2.57 13.19 0.73
C ASN A 197 -3.60 12.10 0.48
N LEU A 198 -4.45 12.26 -0.53
CA LEU A 198 -5.43 11.24 -0.83
C LEU A 198 -4.72 9.95 -1.24
N LEU A 199 -3.76 10.06 -2.15
CA LEU A 199 -3.05 8.90 -2.64
C LEU A 199 -2.21 8.19 -1.58
N MET A 200 -1.67 8.94 -0.63
CA MET A 200 -0.87 8.32 0.42
C MET A 200 -1.74 7.51 1.38
N LEU A 201 -3.04 7.81 1.42
CA LEU A 201 -3.93 7.08 2.30
C LEU A 201 -4.23 5.70 1.75
N LEU A 202 -4.00 5.51 0.45
CA LEU A 202 -4.26 4.22 -0.17
C LEU A 202 -3.34 3.13 0.37
N SER A 203 -2.17 3.53 0.85
CA SER A 203 -1.23 2.57 1.41
C SER A 203 -1.86 2.02 2.69
N HIS A 204 -2.59 2.88 3.41
CA HIS A 204 -3.23 2.47 4.64
C HIS A 204 -4.46 1.60 4.37
N VAL A 205 -5.01 1.71 3.16
CA VAL A 205 -6.17 0.90 2.78
C VAL A 205 -5.67 -0.49 2.43
N ARG A 206 -4.56 -0.53 1.68
CA ARG A 206 -3.94 -1.78 1.28
C ARG A 206 -3.39 -2.51 2.50
N HIS A 207 -3.10 -1.77 3.56
CA HIS A 207 -2.56 -2.37 4.78
C HIS A 207 -3.67 -3.03 5.60
N ALA A 208 -4.77 -2.31 5.81
CA ALA A 208 -5.90 -2.84 6.55
C ALA A 208 -6.44 -4.03 5.76
N SER A 209 -6.20 -4.00 4.45
CA SER A 209 -6.63 -5.03 3.51
C SER A 209 -5.92 -6.35 3.73
N ASN A 210 -4.59 -6.30 3.68
CA ASN A 210 -3.80 -7.51 3.88
C ASN A 210 -4.07 -8.09 5.27
N LYS A 211 -4.32 -7.22 6.25
CA LYS A 211 -4.60 -7.68 7.59
C LYS A 211 -6.00 -8.30 7.64
N GLY A 212 -6.95 -7.63 7.00
CA GLY A 212 -8.32 -8.12 6.97
C GLY A 212 -8.43 -9.50 6.33
N MET A 213 -7.64 -9.76 5.30
CA MET A 213 -7.73 -11.06 4.66
C MET A 213 -7.02 -12.15 5.43
N GLU A 214 -5.91 -11.80 6.08
CA GLU A 214 -5.18 -12.77 6.88
C GLU A 214 -6.12 -13.28 7.96
N HIS A 215 -6.84 -12.34 8.57
CA HIS A 215 -7.79 -12.65 9.63
C HIS A 215 -8.88 -13.55 9.08
N LEU A 216 -9.45 -13.17 7.93
CA LEU A 216 -10.51 -13.94 7.30
C LEU A 216 -10.00 -15.33 6.91
N LEU A 217 -8.79 -15.40 6.38
CA LEU A 217 -8.23 -16.67 5.99
C LEU A 217 -8.12 -17.60 7.20
N ASN A 218 -7.63 -17.07 8.32
CA ASN A 218 -7.50 -17.88 9.52
C ASN A 218 -8.89 -18.41 9.90
N MET A 219 -9.90 -17.55 9.74
CA MET A 219 -11.27 -17.90 10.06
C MET A 219 -11.78 -19.02 9.17
N LYS A 220 -11.43 -18.98 7.88
CA LYS A 220 -11.86 -20.00 6.94
C LYS A 220 -11.27 -21.35 7.35
N CYS A 221 -9.97 -21.37 7.58
CA CYS A 221 -9.28 -22.60 7.97
C CYS A 221 -9.92 -23.26 9.19
N LYS A 222 -10.52 -22.46 10.07
CA LYS A 222 -11.16 -23.00 11.27
C LYS A 222 -12.63 -23.36 11.03
N ASN A 223 -13.10 -23.08 9.82
CA ASN A 223 -14.49 -23.35 9.45
C ASN A 223 -15.47 -22.67 10.37
N VAL A 224 -15.04 -21.55 10.97
CA VAL A 224 -15.87 -20.77 11.88
C VAL A 224 -16.98 -20.05 11.13
N VAL A 225 -16.68 -19.64 9.90
CA VAL A 225 -17.66 -18.93 9.09
C VAL A 225 -18.22 -19.83 8.00
N PRO A 226 -19.53 -19.76 7.76
CA PRO A 226 -20.18 -20.58 6.71
C PRO A 226 -19.47 -20.48 5.37
N VAL A 227 -19.80 -21.42 4.48
CA VAL A 227 -19.21 -21.47 3.16
C VAL A 227 -19.88 -20.56 2.14
N TYR A 228 -19.14 -19.58 1.64
CA TYR A 228 -19.67 -18.65 0.63
C TYR A 228 -18.87 -18.79 -0.66
N ASP A 229 -19.50 -19.40 -1.66
CA ASP A 229 -18.90 -19.64 -2.97
C ASP A 229 -17.98 -18.56 -3.54
N LEU A 230 -18.54 -17.41 -3.95
CA LEU A 230 -17.72 -16.35 -4.52
C LEU A 230 -16.62 -15.89 -3.57
N LEU A 231 -16.99 -15.62 -2.32
CA LEU A 231 -16.03 -15.17 -1.32
C LEU A 231 -14.91 -16.19 -1.12
N LEU A 232 -15.29 -17.46 -0.99
CA LEU A 232 -14.35 -18.56 -0.80
C LEU A 232 -13.33 -18.57 -1.94
N GLU A 233 -13.84 -18.40 -3.14
CA GLU A 233 -13.02 -18.40 -4.35
C GLU A 233 -12.10 -17.17 -4.36
N MET A 234 -12.66 -16.01 -4.06
CA MET A 234 -11.86 -14.79 -4.04
C MET A 234 -10.78 -14.91 -2.98
N LEU A 235 -11.14 -15.52 -1.85
CA LEU A 235 -10.20 -15.72 -0.76
C LEU A 235 -9.08 -16.69 -1.15
N ASN A 236 -9.45 -17.85 -1.70
CA ASN A 236 -8.47 -18.84 -2.10
C ASN A 236 -7.45 -18.29 -3.09
N ALA A 237 -7.92 -17.54 -4.09
CA ALA A 237 -7.02 -16.96 -5.09
C ALA A 237 -6.20 -15.84 -4.50
N LEU B 3 12.10 25.94 7.13
CA LEU B 3 12.88 25.03 6.23
C LEU B 3 12.20 24.92 4.87
N SER B 4 12.82 25.47 3.83
CA SER B 4 12.25 25.42 2.49
C SER B 4 12.39 24.03 1.86
N PRO B 5 11.63 23.77 0.78
CA PRO B 5 11.71 22.47 0.11
C PRO B 5 13.13 22.12 -0.30
N GLU B 6 13.83 23.09 -0.90
CA GLU B 6 15.21 22.88 -1.33
C GLU B 6 16.15 22.47 -0.19
N GLN B 7 15.98 23.07 0.98
CA GLN B 7 16.82 22.74 2.11
C GLN B 7 16.44 21.39 2.67
N LEU B 8 15.16 21.06 2.58
CA LEU B 8 14.68 19.77 3.05
C LEU B 8 15.31 18.71 2.15
N VAL B 9 15.27 18.93 0.84
CA VAL B 9 15.86 17.99 -0.12
C VAL B 9 17.36 17.86 0.10
N LEU B 10 18.06 18.97 0.20
CA LEU B 10 19.50 18.95 0.42
C LEU B 10 19.82 18.19 1.72
N THR B 11 19.00 18.40 2.74
CA THR B 11 19.18 17.71 4.01
C THR B 11 19.02 16.19 3.84
N LEU B 12 18.05 15.78 3.02
CA LEU B 12 17.83 14.35 2.79
C LEU B 12 19.01 13.80 1.98
N LEU B 13 19.49 14.59 1.02
CA LEU B 13 20.60 14.21 0.17
C LEU B 13 21.81 13.87 1.05
N GLU B 14 22.14 14.77 1.97
CA GLU B 14 23.25 14.57 2.89
C GLU B 14 22.97 13.40 3.84
N ALA B 15 21.72 13.21 4.20
CA ALA B 15 21.36 12.13 5.12
C ALA B 15 21.40 10.74 4.49
N GLU B 16 21.58 10.67 3.18
CA GLU B 16 21.63 9.38 2.49
C GLU B 16 22.65 8.46 3.13
N PRO B 17 22.21 7.27 3.54
CA PRO B 17 23.15 6.32 4.16
C PRO B 17 24.19 5.83 3.17
N PRO B 18 25.40 5.52 3.67
CA PRO B 18 26.47 5.03 2.80
C PRO B 18 26.12 3.60 2.38
N HIS B 19 26.59 3.19 1.20
CA HIS B 19 26.30 1.84 0.72
C HIS B 19 26.96 0.77 1.58
N VAL B 20 26.15 -0.15 2.10
CA VAL B 20 26.64 -1.23 2.93
C VAL B 20 27.33 -2.25 2.03
N LEU B 21 28.60 -2.51 2.32
CA LEU B 21 29.37 -3.46 1.54
C LEU B 21 29.23 -4.85 2.12
N ILE B 22 28.82 -5.79 1.26
CA ILE B 22 28.64 -7.18 1.65
C ILE B 22 29.13 -7.99 0.45
N SER B 23 29.90 -9.02 0.70
CA SER B 23 30.45 -9.83 -0.38
C SER B 23 29.64 -11.08 -0.71
N ARG B 24 29.55 -11.35 -2.01
CA ARG B 24 28.84 -12.51 -2.52
C ARG B 24 29.62 -13.76 -2.12
N PRO B 25 28.93 -14.79 -1.63
CA PRO B 25 29.64 -16.02 -1.23
C PRO B 25 30.48 -16.58 -2.38
N SER B 26 31.61 -17.21 -2.03
CA SER B 26 32.51 -17.80 -3.01
C SER B 26 31.78 -18.71 -4.00
N ALA B 27 31.21 -19.79 -3.48
CA ALA B 27 30.48 -20.75 -4.30
C ALA B 27 29.10 -20.23 -4.67
N PRO B 28 28.46 -20.85 -5.68
CA PRO B 28 27.12 -20.41 -6.09
C PRO B 28 26.19 -20.47 -4.88
N PHE B 29 25.21 -19.58 -4.85
CA PHE B 29 24.27 -19.51 -3.75
C PHE B 29 23.53 -20.81 -3.47
N THR B 30 23.28 -21.06 -2.20
CA THR B 30 22.49 -22.22 -1.78
C THR B 30 21.31 -21.52 -1.11
N GLU B 31 20.26 -22.26 -0.79
CA GLU B 31 19.11 -21.63 -0.15
C GLU B 31 19.54 -20.89 1.10
N ALA B 32 20.39 -21.53 1.91
CA ALA B 32 20.87 -20.95 3.16
C ALA B 32 21.87 -19.81 3.03
N SER B 33 22.81 -19.90 2.08
CA SER B 33 23.79 -18.83 1.94
C SER B 33 23.18 -17.57 1.34
N MET B 34 22.09 -17.72 0.60
CA MET B 34 21.45 -16.55 0.01
C MET B 34 20.71 -15.80 1.10
N MET B 35 20.01 -16.54 1.95
CA MET B 35 19.25 -15.97 3.05
C MET B 35 20.21 -15.41 4.08
N MET B 36 21.40 -15.99 4.15
CA MET B 36 22.39 -15.53 5.10
C MET B 36 22.87 -14.15 4.63
N SER B 37 23.13 -14.04 3.34
CA SER B 37 23.58 -12.80 2.74
C SER B 37 22.51 -11.71 2.84
N LEU B 38 21.25 -12.08 2.61
CA LEU B 38 20.17 -11.11 2.67
C LEU B 38 19.91 -10.61 4.08
N THR B 39 19.92 -11.52 5.05
CA THR B 39 19.66 -11.12 6.43
C THR B 39 20.84 -10.35 7.00
N LYS B 40 22.06 -10.69 6.57
CA LYS B 40 23.24 -9.98 7.03
C LYS B 40 23.23 -8.56 6.50
N LEU B 41 22.80 -8.39 5.25
CA LEU B 41 22.74 -7.06 4.64
C LEU B 41 21.68 -6.20 5.33
N ALA B 42 20.50 -6.78 5.52
CA ALA B 42 19.38 -6.11 6.16
C ALA B 42 19.73 -5.61 7.55
N ASP B 43 20.42 -6.41 8.34
CA ASP B 43 20.78 -5.99 9.69
C ASP B 43 21.68 -4.75 9.65
N LYS B 44 22.72 -4.79 8.84
CA LYS B 44 23.63 -3.65 8.73
C LYS B 44 22.93 -2.42 8.17
N GLU B 45 22.04 -2.61 7.20
CA GLU B 45 21.32 -1.49 6.62
C GLU B 45 20.35 -0.93 7.63
N LEU B 46 19.78 -1.79 8.46
CA LEU B 46 18.85 -1.33 9.47
C LEU B 46 19.55 -0.35 10.42
N VAL B 47 20.81 -0.63 10.75
CA VAL B 47 21.54 0.27 11.64
C VAL B 47 21.68 1.63 10.98
N HIS B 48 22.02 1.66 9.70
CA HIS B 48 22.15 2.93 8.99
C HIS B 48 20.81 3.61 8.80
N MET B 49 19.75 2.79 8.67
CA MET B 49 18.41 3.33 8.47
C MET B 49 17.99 4.17 9.69
N ILE B 50 18.31 3.69 10.88
CA ILE B 50 17.97 4.41 12.11
C ILE B 50 18.65 5.78 12.11
N SER B 51 19.93 5.81 11.77
CA SER B 51 20.67 7.07 11.73
C SER B 51 20.06 7.98 10.68
N TRP B 52 19.76 7.42 9.51
CA TRP B 52 19.13 8.19 8.42
C TRP B 52 17.85 8.85 8.91
N ALA B 53 16.99 8.08 9.59
CA ALA B 53 15.71 8.57 10.10
C ALA B 53 15.83 9.77 11.06
N LYS B 54 16.79 9.70 11.98
CA LYS B 54 17.00 10.78 12.95
C LYS B 54 17.40 12.08 12.25
N LYS B 55 17.79 12.00 10.98
CA LYS B 55 18.18 13.18 10.21
C LYS B 55 17.02 13.75 9.40
N ILE B 56 15.89 13.05 9.37
CA ILE B 56 14.74 13.55 8.65
C ILE B 56 14.17 14.66 9.52
N PRO B 57 14.10 15.88 8.99
CA PRO B 57 13.59 17.05 9.71
C PRO B 57 12.32 16.79 10.52
N GLY B 58 12.42 16.96 11.83
CA GLY B 58 11.27 16.76 12.71
C GLY B 58 11.04 15.37 13.24
N PHE B 59 11.79 14.38 12.73
CA PHE B 59 11.61 13.01 13.20
C PHE B 59 11.92 12.86 14.68
N VAL B 60 13.05 13.41 15.11
CA VAL B 60 13.45 13.32 16.50
C VAL B 60 12.51 14.09 17.43
N GLU B 61 11.71 14.99 16.86
CA GLU B 61 10.77 15.78 17.66
C GLU B 61 9.48 15.03 17.94
N LEU B 62 9.32 13.88 17.31
CA LEU B 62 8.15 13.02 17.52
C LEU B 62 8.45 12.26 18.80
N SER B 63 7.42 11.69 19.43
CA SER B 63 7.62 10.94 20.66
C SER B 63 8.39 9.66 20.34
N LEU B 64 9.14 9.14 21.30
CA LEU B 64 9.92 7.93 21.06
C LEU B 64 9.05 6.80 20.55
N PHE B 65 7.84 6.70 21.06
CA PHE B 65 6.95 5.64 20.65
C PHE B 65 6.44 5.79 19.22
N ASP B 66 6.39 7.02 18.71
CA ASP B 66 5.95 7.22 17.34
C ASP B 66 7.11 6.83 16.41
N GLN B 67 8.33 7.20 16.80
CA GLN B 67 9.51 6.88 16.03
C GLN B 67 9.62 5.38 15.87
N VAL B 68 9.37 4.66 16.96
CA VAL B 68 9.45 3.20 16.95
C VAL B 68 8.36 2.57 16.10
N ARG B 69 7.13 3.06 16.21
CA ARG B 69 6.04 2.50 15.41
C ARG B 69 6.32 2.73 13.92
N LEU B 70 6.77 3.92 13.57
CA LEU B 70 7.05 4.22 12.16
C LEU B 70 8.10 3.28 11.58
N LEU B 71 9.23 3.15 12.27
CA LEU B 71 10.30 2.28 11.80
C LEU B 71 9.92 0.81 11.75
N GLU B 72 9.21 0.32 12.76
CA GLU B 72 8.79 -1.08 12.80
C GLU B 72 7.83 -1.39 11.65
N SER B 73 7.03 -0.40 11.29
CA SER B 73 6.05 -0.58 10.24
C SER B 73 6.55 -0.43 8.81
N CYS B 74 7.65 0.28 8.59
CA CYS B 74 8.12 0.52 7.23
C CYS B 74 9.52 0.08 6.88
N TRP B 75 10.24 -0.49 7.84
CA TRP B 75 11.62 -0.85 7.56
C TRP B 75 11.86 -1.64 6.29
N MET B 76 11.07 -2.68 6.04
CA MET B 76 11.28 -3.47 4.82
C MET B 76 10.94 -2.67 3.57
N GLU B 77 9.93 -1.81 3.66
CA GLU B 77 9.54 -0.97 2.53
C GLU B 77 10.70 -0.06 2.18
N VAL B 78 11.34 0.48 3.20
CA VAL B 78 12.45 1.39 2.99
C VAL B 78 13.61 0.62 2.36
N LEU B 79 13.96 -0.53 2.93
CA LEU B 79 15.04 -1.35 2.38
C LEU B 79 14.83 -1.67 0.90
N MET B 80 13.60 -2.02 0.55
CA MET B 80 13.31 -2.37 -0.84
C MET B 80 13.27 -1.17 -1.77
N MET B 81 12.87 -0.02 -1.27
CA MET B 81 12.84 1.18 -2.10
C MET B 81 14.29 1.49 -2.47
N GLY B 82 15.18 1.33 -1.49
CA GLY B 82 16.59 1.56 -1.72
C GLY B 82 17.12 0.54 -2.71
N LEU B 83 16.70 -0.71 -2.54
CA LEU B 83 17.10 -1.77 -3.46
C LEU B 83 16.69 -1.43 -4.89
N MET B 84 15.43 -1.06 -5.07
CA MET B 84 14.91 -0.73 -6.39
C MET B 84 15.64 0.44 -7.03
N TRP B 85 15.99 1.44 -6.22
CA TRP B 85 16.70 2.60 -6.73
C TRP B 85 18.09 2.18 -7.24
N ARG B 86 18.76 1.32 -6.48
CA ARG B 86 20.09 0.83 -6.83
C ARG B 86 20.09 -0.03 -8.09
N SER B 87 18.93 -0.62 -8.40
CA SER B 87 18.80 -1.49 -9.56
C SER B 87 18.18 -0.76 -10.76
N ILE B 88 17.82 0.50 -10.55
CA ILE B 88 17.17 1.31 -11.58
C ILE B 88 17.77 1.21 -12.98
N ASP B 89 19.09 1.31 -13.10
CA ASP B 89 19.76 1.24 -14.39
C ASP B 89 20.37 -0.14 -14.65
N HIS B 90 19.66 -1.21 -14.27
CA HIS B 90 20.14 -2.57 -14.47
C HIS B 90 18.98 -3.55 -14.61
N PRO B 91 18.22 -3.46 -15.71
CA PRO B 91 17.09 -4.38 -15.90
C PRO B 91 17.43 -5.85 -15.66
N GLY B 92 16.47 -6.59 -15.13
CA GLY B 92 16.68 -8.01 -14.83
C GLY B 92 17.69 -8.25 -13.72
N LYS B 93 18.19 -7.18 -13.12
CA LYS B 93 19.18 -7.29 -12.06
C LYS B 93 18.73 -6.59 -10.76
N LEU B 94 19.01 -7.23 -9.62
CA LEU B 94 18.68 -6.67 -8.32
C LEU B 94 19.99 -6.40 -7.60
N ILE B 95 20.32 -5.13 -7.45
CA ILE B 95 21.56 -4.73 -6.81
C ILE B 95 21.36 -4.54 -5.31
N PHE B 96 21.43 -5.64 -4.56
CA PHE B 96 21.27 -5.59 -3.12
C PHE B 96 22.45 -4.83 -2.53
N ALA B 97 23.61 -5.00 -3.15
CA ALA B 97 24.84 -4.32 -2.73
C ALA B 97 25.86 -4.41 -3.86
N PRO B 98 26.87 -3.51 -3.86
CA PRO B 98 27.91 -3.50 -4.89
C PRO B 98 28.39 -4.87 -5.36
N ASP B 99 28.74 -5.76 -4.44
CA ASP B 99 29.18 -7.10 -4.85
C ASP B 99 28.13 -8.15 -4.52
N LEU B 100 26.87 -7.75 -4.51
CA LEU B 100 25.78 -8.66 -4.23
C LEU B 100 24.71 -8.42 -5.27
N VAL B 101 25.08 -8.66 -6.52
CA VAL B 101 24.20 -8.49 -7.66
C VAL B 101 23.51 -9.81 -7.97
N LEU B 102 22.22 -9.91 -7.66
CA LEU B 102 21.48 -11.13 -7.89
C LEU B 102 20.67 -11.09 -9.17
N ASP B 103 20.83 -12.14 -9.97
CA ASP B 103 20.12 -12.26 -11.22
C ASP B 103 18.76 -12.85 -10.88
N ARG B 104 17.73 -12.46 -11.62
CA ARG B 104 16.37 -12.96 -11.37
C ARG B 104 16.38 -14.47 -11.22
N ASP B 105 17.30 -15.13 -11.92
CA ASP B 105 17.42 -16.58 -11.90
C ASP B 105 17.92 -17.20 -10.59
N GLU B 106 18.95 -16.59 -10.01
CA GLU B 106 19.53 -17.10 -8.77
C GLU B 106 18.51 -17.18 -7.64
N GLY B 107 17.32 -16.64 -7.88
CA GLY B 107 16.29 -16.66 -6.87
C GLY B 107 15.53 -17.98 -6.86
N LYS B 108 16.04 -18.98 -7.58
CA LYS B 108 15.38 -20.29 -7.63
C LYS B 108 15.84 -21.20 -6.50
N CYS B 109 17.00 -20.93 -5.93
CA CYS B 109 17.52 -21.76 -4.85
C CYS B 109 16.77 -21.52 -3.54
N VAL B 110 16.08 -20.39 -3.44
CA VAL B 110 15.33 -20.07 -2.24
C VAL B 110 13.83 -20.28 -2.44
N GLU B 111 13.23 -21.13 -1.61
CA GLU B 111 11.82 -21.43 -1.70
C GLU B 111 10.92 -20.19 -1.57
N GLY B 112 10.18 -19.90 -2.65
CA GLY B 112 9.26 -18.77 -2.63
C GLY B 112 9.80 -17.35 -2.66
N ILE B 113 11.05 -17.16 -3.05
CA ILE B 113 11.61 -15.81 -3.11
C ILE B 113 11.57 -15.25 -4.52
N LEU B 114 11.54 -16.15 -5.50
CA LEU B 114 11.49 -15.78 -6.90
C LEU B 114 10.30 -14.87 -7.15
N GLU B 115 9.19 -15.15 -6.47
CA GLU B 115 7.97 -14.36 -6.60
C GLU B 115 8.27 -12.92 -6.20
N ILE B 116 8.85 -12.76 -5.01
CA ILE B 116 9.19 -11.44 -4.48
C ILE B 116 10.17 -10.73 -5.41
N PHE B 117 11.14 -11.48 -5.93
CA PHE B 117 12.12 -10.92 -6.84
C PHE B 117 11.45 -10.38 -8.09
N ASP B 118 10.40 -11.07 -8.52
CA ASP B 118 9.67 -10.65 -9.71
C ASP B 118 8.92 -9.35 -9.53
N MET B 119 8.19 -9.23 -8.42
CA MET B 119 7.46 -7.99 -8.19
C MET B 119 8.41 -6.82 -7.92
N LEU B 120 9.60 -7.13 -7.38
CA LEU B 120 10.58 -6.08 -7.10
C LEU B 120 11.16 -5.60 -8.42
N LEU B 121 11.39 -6.53 -9.33
CA LEU B 121 11.93 -6.19 -10.65
C LEU B 121 10.89 -5.42 -11.46
N ALA B 122 9.62 -5.79 -11.29
CA ALA B 122 8.54 -5.13 -12.00
C ALA B 122 8.41 -3.67 -11.56
N THR B 123 8.40 -3.44 -10.26
CA THR B 123 8.29 -2.09 -9.74
C THR B 123 9.49 -1.26 -10.17
N THR B 124 10.66 -1.88 -10.23
CA THR B 124 11.87 -1.18 -10.63
C THR B 124 11.73 -0.70 -12.08
N SER B 125 11.22 -1.58 -12.95
CA SER B 125 11.05 -1.24 -14.36
C SER B 125 10.09 -0.06 -14.50
N ARG B 126 9.07 -0.03 -13.64
CA ARG B 126 8.11 1.05 -13.68
C ARG B 126 8.80 2.36 -13.30
N PHE B 127 9.63 2.33 -12.26
CA PHE B 127 10.35 3.52 -11.83
C PHE B 127 11.29 3.97 -12.96
N ARG B 128 11.91 2.99 -13.61
CA ARG B 128 12.82 3.26 -14.73
C ARG B 128 12.03 3.89 -15.88
N GLU B 129 10.87 3.32 -16.18
CA GLU B 129 10.01 3.80 -17.25
C GLU B 129 9.62 5.27 -16.98
N LEU B 130 9.45 5.62 -15.71
CA LEU B 130 9.08 6.97 -15.31
C LEU B 130 10.34 7.82 -15.17
N LYS B 131 11.49 7.19 -15.29
CA LYS B 131 12.75 7.90 -15.16
C LYS B 131 12.83 8.62 -13.81
N LEU B 132 12.55 7.89 -12.73
CA LEU B 132 12.62 8.46 -11.39
C LEU B 132 13.96 9.18 -11.22
N GLN B 133 13.92 10.36 -10.61
CA GLN B 133 15.14 11.13 -10.40
C GLN B 133 15.61 11.02 -8.94
N HIS B 134 16.91 11.14 -8.74
CA HIS B 134 17.51 11.06 -7.42
C HIS B 134 16.80 11.92 -6.37
N LYS B 135 16.51 13.17 -6.71
CA LYS B 135 15.83 14.06 -5.77
C LYS B 135 14.41 13.58 -5.44
N GLU B 136 13.71 13.04 -6.44
CA GLU B 136 12.36 12.54 -6.23
C GLU B 136 12.45 11.34 -5.30
N TYR B 137 13.36 10.42 -5.65
CA TYR B 137 13.61 9.22 -4.87
C TYR B 137 13.85 9.52 -3.39
N LEU B 138 14.70 10.51 -3.09
CA LEU B 138 14.96 10.87 -1.70
C LEU B 138 13.67 11.23 -0.96
N CYS B 139 12.84 12.05 -1.58
CA CYS B 139 11.58 12.48 -1.00
C CYS B 139 10.60 11.34 -0.77
N VAL B 140 10.50 10.43 -1.74
CA VAL B 140 9.61 9.27 -1.65
C VAL B 140 10.01 8.33 -0.52
N LYS B 141 11.31 8.10 -0.37
CA LYS B 141 11.77 7.22 0.68
C LYS B 141 11.41 7.82 2.05
N ALA B 142 11.59 9.13 2.18
CA ALA B 142 11.27 9.80 3.42
C ALA B 142 9.74 9.75 3.63
N MET B 143 9.00 9.89 2.54
CA MET B 143 7.54 9.84 2.63
C MET B 143 7.08 8.46 3.07
N ILE B 144 7.79 7.43 2.65
CA ILE B 144 7.44 6.07 3.03
C ILE B 144 7.52 5.91 4.56
N LEU B 145 8.58 6.44 5.17
CA LEU B 145 8.72 6.36 6.62
C LEU B 145 7.66 7.17 7.37
N LEU B 146 7.45 8.41 6.93
CA LEU B 146 6.49 9.31 7.57
C LEU B 146 5.02 8.95 7.32
N ASN B 147 4.73 8.19 6.27
CA ASN B 147 3.36 7.82 5.95
C ASN B 147 2.97 6.44 6.50
N SER B 148 3.87 5.80 7.24
CA SER B 148 3.54 4.49 7.78
C SER B 148 2.88 4.54 9.16
N SER B 149 1.93 5.46 9.35
CA SER B 149 1.22 5.60 10.63
C SER B 149 0.34 4.37 10.87
N MET B 150 0.81 3.23 10.36
CA MET B 150 0.10 1.97 10.47
C MET B 150 0.22 1.46 11.91
N ASP B 161 -0.13 15.86 20.67
CA ASP B 161 0.23 16.80 19.62
C ASP B 161 1.35 16.25 18.74
N SER B 162 1.71 14.99 18.97
CA SER B 162 2.76 14.35 18.19
C SER B 162 2.16 13.85 16.88
N SER B 163 0.92 13.34 16.96
CA SER B 163 0.23 12.83 15.78
C SER B 163 0.07 13.95 14.76
N ARG B 164 -0.20 15.15 15.26
CA ARG B 164 -0.39 16.31 14.41
C ARG B 164 0.95 16.76 13.81
N LYS B 165 2.01 16.58 14.59
CA LYS B 165 3.36 16.96 14.17
C LYS B 165 3.80 16.05 13.01
N LEU B 166 3.31 14.82 13.00
CA LEU B 166 3.65 13.86 11.96
C LEU B 166 3.03 14.32 10.64
N ALA B 167 1.76 14.73 10.71
CA ALA B 167 1.05 15.20 9.54
C ALA B 167 1.76 16.39 8.92
N HIS B 168 2.32 17.24 9.77
CA HIS B 168 3.02 18.42 9.29
C HIS B 168 4.36 18.06 8.65
N LEU B 169 5.00 17.02 9.17
CA LEU B 169 6.27 16.55 8.65
C LEU B 169 6.08 15.93 7.27
N LEU B 170 5.02 15.14 7.13
CA LEU B 170 4.71 14.49 5.86
C LEU B 170 4.39 15.55 4.81
N ASN B 171 3.66 16.58 5.21
CA ASN B 171 3.32 17.65 4.29
C ASN B 171 4.56 18.39 3.83
N ALA B 172 5.55 18.49 4.71
CA ALA B 172 6.80 19.18 4.38
C ALA B 172 7.56 18.42 3.30
N VAL B 173 7.68 17.10 3.48
CA VAL B 173 8.40 16.31 2.49
C VAL B 173 7.60 16.31 1.19
N THR B 174 6.28 16.26 1.30
CA THR B 174 5.43 16.28 0.11
C THR B 174 5.66 17.58 -0.66
N ASP B 175 5.72 18.70 0.06
CA ASP B 175 5.97 19.98 -0.60
C ASP B 175 7.29 19.94 -1.33
N ALA B 176 8.26 19.25 -0.74
CA ALA B 176 9.58 19.13 -1.34
C ALA B 176 9.50 18.32 -2.63
N LEU B 177 8.72 17.24 -2.62
CA LEU B 177 8.59 16.42 -3.82
C LEU B 177 7.93 17.25 -4.93
N VAL B 178 6.92 18.03 -4.57
CA VAL B 178 6.23 18.85 -5.56
C VAL B 178 7.23 19.85 -6.15
N TRP B 179 8.07 20.41 -5.28
CA TRP B 179 9.09 21.37 -5.69
C TRP B 179 10.07 20.75 -6.66
N VAL B 180 10.52 19.53 -6.37
CA VAL B 180 11.46 18.83 -7.23
C VAL B 180 10.86 18.61 -8.62
N ILE B 181 9.63 18.10 -8.67
CA ILE B 181 8.96 17.84 -9.94
C ILE B 181 8.77 19.12 -10.76
N ALA B 182 8.48 20.22 -10.10
CA ALA B 182 8.30 21.49 -10.80
C ALA B 182 9.61 21.93 -11.45
N LYS B 183 10.74 21.63 -10.79
CA LYS B 183 12.03 22.03 -11.32
C LYS B 183 12.39 21.22 -12.56
N SER B 184 11.54 20.26 -12.93
CA SER B 184 11.77 19.46 -14.11
C SER B 184 11.33 20.31 -15.31
N GLY B 185 10.39 21.23 -15.05
CA GLY B 185 9.90 22.11 -16.09
C GLY B 185 8.63 21.72 -16.83
N ILE B 186 8.19 20.47 -16.70
CA ILE B 186 7.00 20.00 -17.39
C ILE B 186 5.77 20.82 -17.02
N SER B 187 4.74 20.78 -17.86
CA SER B 187 3.52 21.54 -17.63
C SER B 187 2.88 21.24 -16.28
N SER B 188 2.22 22.24 -15.73
CA SER B 188 1.53 22.13 -14.45
C SER B 188 0.71 20.85 -14.36
N GLN B 189 -0.02 20.54 -15.43
CA GLN B 189 -0.86 19.36 -15.49
C GLN B 189 -0.03 18.09 -15.44
N GLN B 190 1.12 18.14 -16.10
CA GLN B 190 2.02 16.99 -16.15
C GLN B 190 2.74 16.78 -14.81
N GLN B 191 2.84 17.83 -14.02
CA GLN B 191 3.47 17.74 -12.71
C GLN B 191 2.52 16.95 -11.80
N SER B 192 1.22 17.24 -11.93
CA SER B 192 0.21 16.55 -11.15
C SER B 192 0.20 15.08 -11.50
N MET B 193 0.29 14.80 -12.79
CA MET B 193 0.26 13.43 -13.27
C MET B 193 1.50 12.66 -12.82
N ARG B 194 2.66 13.30 -12.82
CA ARG B 194 3.88 12.65 -12.38
C ARG B 194 3.81 12.37 -10.87
N LEU B 195 3.32 13.35 -10.12
CA LEU B 195 3.16 13.18 -8.68
C LEU B 195 2.28 11.98 -8.38
N ALA B 196 1.17 11.88 -9.09
CA ALA B 196 0.23 10.78 -8.93
C ALA B 196 0.89 9.45 -9.28
N ASN B 197 1.55 9.40 -10.45
CA ASN B 197 2.21 8.16 -10.88
C ASN B 197 3.25 7.64 -9.90
N LEU B 198 4.04 8.55 -9.33
CA LEU B 198 5.06 8.15 -8.37
C LEU B 198 4.44 7.60 -7.10
N LEU B 199 3.48 8.33 -6.54
CA LEU B 199 2.83 7.89 -5.30
C LEU B 199 2.01 6.61 -5.44
N MET B 200 1.45 6.38 -6.62
CA MET B 200 0.66 5.17 -6.83
C MET B 200 1.55 3.93 -6.73
N LEU B 201 2.85 4.12 -6.80
CA LEU B 201 3.76 2.98 -6.71
C LEU B 201 4.09 2.59 -5.26
N LEU B 202 3.71 3.44 -4.31
CA LEU B 202 3.98 3.13 -2.91
C LEU B 202 3.16 1.90 -2.50
N SER B 203 2.02 1.70 -3.16
CA SER B 203 1.16 0.55 -2.88
C SER B 203 1.90 -0.72 -3.22
N HIS B 204 2.58 -0.71 -4.36
CA HIS B 204 3.32 -1.87 -4.83
C HIS B 204 4.51 -2.18 -3.95
N VAL B 205 5.13 -1.13 -3.41
CA VAL B 205 6.29 -1.29 -2.54
C VAL B 205 5.78 -1.86 -1.21
N ARG B 206 4.66 -1.33 -0.73
CA ARG B 206 4.08 -1.81 0.52
C ARG B 206 3.71 -3.27 0.36
N HIS B 207 3.21 -3.63 -0.83
CA HIS B 207 2.80 -5.00 -1.09
C HIS B 207 4.00 -5.94 -1.04
N ALA B 208 5.03 -5.62 -1.82
CA ALA B 208 6.26 -6.41 -1.85
C ALA B 208 6.85 -6.55 -0.46
N SER B 209 6.71 -5.48 0.33
CA SER B 209 7.21 -5.47 1.71
C SER B 209 6.50 -6.54 2.53
N ASN B 210 5.18 -6.57 2.43
CA ASN B 210 4.37 -7.54 3.14
C ASN B 210 4.81 -8.95 2.79
N LYS B 211 4.97 -9.23 1.50
CA LYS B 211 5.39 -10.56 1.06
C LYS B 211 6.81 -10.83 1.55
N GLY B 212 7.67 -9.81 1.46
CA GLY B 212 9.04 -9.94 1.91
C GLY B 212 9.15 -10.33 3.38
N MET B 213 8.42 -9.64 4.25
CA MET B 213 8.47 -9.95 5.67
C MET B 213 7.83 -11.30 5.98
N GLU B 214 6.77 -11.61 5.24
CA GLU B 214 6.06 -12.88 5.40
C GLU B 214 7.04 -13.99 5.06
N HIS B 215 7.78 -13.80 3.97
CA HIS B 215 8.77 -14.76 3.51
C HIS B 215 9.92 -14.93 4.51
N LEU B 216 10.36 -13.82 5.11
CA LEU B 216 11.46 -13.87 6.07
C LEU B 216 11.06 -14.65 7.33
N LEU B 217 9.82 -14.43 7.80
CA LEU B 217 9.33 -15.13 8.98
C LEU B 217 9.26 -16.61 8.63
N ASN B 218 8.77 -16.90 7.42
CA ASN B 218 8.65 -18.27 6.94
C ASN B 218 10.02 -18.94 7.04
N MET B 219 11.03 -18.28 6.49
CA MET B 219 12.39 -18.80 6.50
C MET B 219 12.91 -19.01 7.91
N LYS B 220 12.59 -18.09 8.81
CA LYS B 220 13.04 -18.22 10.19
C LYS B 220 12.45 -19.47 10.84
N CYS B 221 11.12 -19.62 10.75
CA CYS B 221 10.45 -20.77 11.34
C CYS B 221 10.94 -22.09 10.74
N LYS B 222 11.29 -22.05 9.45
CA LYS B 222 11.79 -23.24 8.77
C LYS B 222 13.21 -23.52 9.21
N ASN B 223 13.81 -22.56 9.92
CA ASN B 223 15.18 -22.68 10.40
C ASN B 223 16.15 -22.64 9.23
N VAL B 224 15.69 -22.09 8.11
CA VAL B 224 16.52 -21.96 6.91
C VAL B 224 17.67 -20.99 7.18
N VAL B 225 17.42 -20.02 8.06
CA VAL B 225 18.43 -19.03 8.40
C VAL B 225 18.15 -18.48 9.79
N PRO B 226 19.22 -18.16 10.55
CA PRO B 226 19.01 -17.63 11.89
C PRO B 226 18.67 -16.13 11.81
N VAL B 227 17.63 -15.73 12.55
CA VAL B 227 17.22 -14.34 12.55
C VAL B 227 17.09 -13.88 14.00
N TYR B 228 17.97 -12.97 14.41
CA TYR B 228 17.96 -12.50 15.78
C TYR B 228 18.25 -11.01 15.93
N ASP B 229 18.33 -10.58 17.19
CA ASP B 229 18.62 -9.20 17.54
C ASP B 229 17.77 -8.16 16.81
N LEU B 230 18.42 -7.15 16.25
CA LEU B 230 17.71 -6.07 15.56
C LEU B 230 16.74 -6.61 14.52
N LEU B 231 17.26 -7.34 13.54
CA LEU B 231 16.42 -7.89 12.48
C LEU B 231 15.17 -8.59 13.03
N LEU B 232 15.37 -9.43 14.04
CA LEU B 232 14.26 -10.15 14.66
C LEU B 232 13.26 -9.22 15.34
N GLU B 233 13.75 -8.23 16.07
CA GLU B 233 12.88 -7.27 16.75
C GLU B 233 12.00 -6.55 15.72
N MET B 234 12.61 -6.19 14.60
CA MET B 234 11.90 -5.48 13.54
C MET B 234 10.89 -6.41 12.89
N LEU B 235 11.25 -7.68 12.76
CA LEU B 235 10.37 -8.67 12.16
C LEU B 235 9.08 -8.81 12.97
N ASN B 236 9.21 -8.94 14.29
CA ASN B 236 8.03 -9.08 15.15
C ASN B 236 7.20 -7.80 15.28
N ALA B 237 7.86 -6.65 15.32
CA ALA B 237 7.18 -5.35 15.45
C ALA B 237 6.05 -5.39 16.48
N LYS C 5 -16.67 -18.99 -10.80
CA LYS C 5 -17.69 -18.08 -10.28
C LYS C 5 -17.34 -16.65 -10.71
N LEU C 6 -16.15 -16.20 -10.36
CA LEU C 6 -15.70 -14.88 -10.74
C LEU C 6 -15.75 -14.79 -12.28
N VAL C 7 -15.29 -15.84 -12.94
CA VAL C 7 -15.29 -15.84 -14.39
C VAL C 7 -16.67 -15.84 -15.03
N GLN C 8 -17.63 -16.59 -14.50
CA GLN C 8 -18.94 -16.57 -15.12
C GLN C 8 -19.68 -15.25 -14.93
N LEU C 9 -19.34 -14.49 -13.88
CA LEU C 9 -20.00 -13.21 -13.68
C LEU C 9 -19.35 -12.16 -14.57
N LEU C 10 -18.10 -12.41 -14.95
CA LEU C 10 -17.38 -11.50 -15.83
C LEU C 10 -17.82 -11.65 -17.28
N THR C 11 -18.46 -12.78 -17.59
CA THR C 11 -18.90 -13.05 -18.94
C THR C 11 -20.43 -13.14 -19.13
N THR C 12 -21.17 -12.65 -18.15
CA THR C 12 -22.63 -12.64 -18.19
C THR C 12 -23.14 -11.36 -17.54
N THR C 13 -24.39 -10.99 -17.86
CA THR C 13 -24.98 -9.79 -17.30
C THR C 13 -26.38 -10.06 -16.74
N LYS D 5 16.98 -3.02 21.53
CA LYS D 5 17.96 -2.81 20.46
C LYS D 5 17.53 -1.64 19.57
N LEU D 6 16.30 -1.69 19.09
CA LEU D 6 15.79 -0.60 18.26
C LEU D 6 15.78 0.68 19.09
N VAL D 7 15.25 0.59 20.30
CA VAL D 7 15.17 1.73 21.20
C VAL D 7 16.56 2.24 21.53
N GLN D 8 17.51 1.32 21.68
CA GLN D 8 18.88 1.67 21.99
C GLN D 8 19.52 2.49 20.88
N LEU D 9 19.40 2.02 19.64
CA LEU D 9 19.98 2.75 18.51
C LEU D 9 19.31 4.11 18.34
N LEU D 10 18.02 4.16 18.58
CA LEU D 10 17.26 5.40 18.46
C LEU D 10 17.61 6.44 19.52
N THR D 11 17.78 5.99 20.75
CA THR D 11 18.06 6.90 21.87
C THR D 11 19.49 6.93 22.39
N THR D 12 20.22 5.83 22.23
CA THR D 12 21.59 5.76 22.73
C THR D 12 22.69 6.08 21.72
N THR D 13 22.38 6.01 20.43
CA THR D 13 23.36 6.31 19.40
C THR D 13 23.05 7.63 18.70
C1 697 E . -17.18 -4.72 3.50
C2 697 E . -17.77 -6.01 3.77
C3 697 E . -17.07 -6.94 4.59
C4 697 E . -15.79 -6.58 5.14
C5 697 E . -15.20 -5.29 4.85
C6 697 E . -15.90 -4.36 4.03
O11 697 E . -17.85 -3.82 2.71
C12 697 E . -15.01 -7.51 6.03
C13 697 E . -15.03 -8.92 5.98
C14 697 E . -14.14 -9.26 7.04
C15 697 E . -13.66 -8.03 7.63
O16 697 E . -14.22 -7.00 6.99
C17 697 E . -13.67 -10.51 7.58
C18 697 E . -12.75 -10.50 8.69
C19 697 E . -12.30 -9.26 9.26
C20 697 E . -12.77 -8.04 8.71
O23 697 E . -12.30 -11.68 9.21
C7 697 E . -12.33 -6.80 9.27
N27 697 E . -12.02 -5.78 9.69
C1 697 F . 17.67 -4.68 1.05
C2 697 F . 18.24 -5.65 1.93
C3 697 F . 17.58 -6.89 2.15
C4 697 F . 16.32 -7.15 1.47
C5 697 F . 15.76 -6.18 0.58
C6 697 F . 16.42 -4.94 0.37
O11 697 F . 18.32 -3.48 0.84
C12 697 F . 15.61 -8.45 1.66
C13 697 F . 15.59 -9.20 2.85
C14 697 F . 14.78 -10.31 2.51
C15 697 F . 14.37 -10.14 1.12
O16 697 F . 14.90 -8.98 0.65
C17 697 F . 14.34 -11.47 3.22
C18 697 F . 13.51 -12.43 2.56
C19 697 F . 13.12 -12.26 1.20
C20 697 F . 13.57 -11.09 0.49
O23 697 F . 13.08 -13.55 3.25
C7 697 F . 13.19 -10.89 -0.87
N27 697 F . 12.91 -10.69 -1.98
#